data_1MA6
#
_entry.id   1MA6
#
_entity_poly.entity_id   1
_entity_poly.type   'polypeptide(L)'
_entity_poly.pdbx_seq_one_letter_code
;KWYFRVYYRGIYYRRYR
;
_entity_poly.pdbx_strand_id   A
#
# COMPACT_ATOMS: atom_id res chain seq x y z
N LYS A 1 -2.49 -3.19 -2.44
CA LYS A 1 -3.80 -2.50 -2.36
C LYS A 1 -4.03 -1.95 -0.95
N TRP A 2 -3.13 -1.09 -0.49
CA TRP A 2 -3.24 -0.54 0.85
C TRP A 2 -4.56 0.22 1.10
N TYR A 3 -4.68 1.47 0.66
CA TYR A 3 -5.91 2.23 0.94
C TYR A 3 -6.68 2.75 -0.30
N PHE A 4 -7.22 3.96 -0.19
CA PHE A 4 -8.08 4.59 -1.22
C PHE A 4 -7.87 4.10 -2.66
N ARG A 5 -6.66 3.75 -3.06
CA ARG A 5 -6.45 3.29 -4.44
C ARG A 5 -6.64 1.79 -4.52
N VAL A 6 -6.09 1.08 -3.54
CA VAL A 6 -6.21 -0.37 -3.49
C VAL A 6 -6.19 -0.97 -4.89
N TYR A 7 -5.04 -0.93 -5.53
CA TYR A 7 -4.90 -1.44 -6.89
C TYR A 7 -3.54 -2.06 -7.15
N TYR A 8 -2.76 -2.33 -6.11
CA TYR A 8 -1.43 -2.90 -6.30
C TYR A 8 -1.08 -3.98 -5.27
N ARG A 9 -0.50 -3.54 -4.14
CA ARG A 9 -0.04 -4.43 -3.06
C ARG A 9 1.46 -4.57 -3.13
N GLY A 10 2.16 -4.09 -2.09
CA GLY A 10 3.61 -4.19 -2.09
C GLY A 10 4.29 -2.92 -1.61
N ILE A 11 3.54 -1.82 -1.54
CA ILE A 11 4.10 -0.54 -1.11
C ILE A 11 4.92 -0.68 0.16
N TYR A 12 4.54 -1.63 1.01
CA TYR A 12 5.25 -1.86 2.26
C TYR A 12 5.21 -0.61 3.15
N TYR A 13 4.11 0.12 3.10
CA TYR A 13 3.95 1.33 3.89
C TYR A 13 3.62 0.99 5.35
N ARG A 14 2.78 -0.02 5.53
CA ARG A 14 2.37 -0.45 6.86
C ARG A 14 2.99 -1.80 7.21
N ARG A 15 4.16 -2.06 6.65
CA ARG A 15 4.86 -3.32 6.91
C ARG A 15 6.18 -3.07 7.62
N TYR A 16 6.22 -2.02 8.43
CA TYR A 16 7.42 -1.67 9.18
C TYR A 16 7.80 -2.78 10.16
N ARG A 17 9.06 -3.19 10.13
CA ARG A 17 9.54 -4.25 11.01
C ARG A 17 8.78 -5.55 10.77
N LYS A 1 -3.85 -3.47 -0.61
CA LYS A 1 -4.10 -3.76 0.83
C LYS A 1 -4.00 -2.49 1.69
N TRP A 2 -3.63 -1.37 1.07
CA TRP A 2 -3.49 -0.11 1.79
C TRP A 2 -4.86 0.57 1.92
N TYR A 3 -5.11 1.62 1.15
CA TYR A 3 -6.36 2.36 1.22
C TYR A 3 -6.88 2.84 -0.13
N PHE A 4 -6.88 4.17 -0.35
CA PHE A 4 -7.40 4.74 -1.59
C PHE A 4 -6.58 4.39 -2.82
N ARG A 5 -6.39 3.12 -3.05
CA ARG A 5 -5.66 2.69 -4.23
C ARG A 5 -5.47 1.18 -4.23
N VAL A 6 -6.47 0.45 -3.75
CA VAL A 6 -6.38 -1.00 -3.71
C VAL A 6 -6.42 -1.56 -5.12
N TYR A 7 -5.34 -1.33 -5.86
CA TYR A 7 -5.21 -1.76 -7.24
C TYR A 7 -3.77 -2.17 -7.58
N TYR A 8 -2.91 -2.20 -6.57
CA TYR A 8 -1.51 -2.55 -6.78
C TYR A 8 -1.01 -3.54 -5.73
N ARG A 9 -0.74 -3.02 -4.53
CA ARG A 9 -0.24 -3.80 -3.39
C ARG A 9 1.29 -3.67 -3.29
N GLY A 10 1.76 -3.31 -2.10
CA GLY A 10 3.19 -3.16 -1.88
C GLY A 10 3.60 -1.71 -1.70
N ILE A 11 2.61 -0.82 -1.55
CA ILE A 11 2.89 0.61 -1.37
C ILE A 11 3.98 0.81 -0.32
N TYR A 12 4.02 -0.09 0.66
CA TYR A 12 5.01 0.00 1.73
C TYR A 12 4.68 1.17 2.65
N TYR A 13 3.42 1.62 2.61
CA TYR A 13 2.99 2.74 3.45
C TYR A 13 3.17 2.40 4.92
N ARG A 14 2.63 1.25 5.31
CA ARG A 14 2.73 0.79 6.69
C ARG A 14 3.55 -0.49 6.78
N ARG A 15 2.89 -1.63 6.53
CA ARG A 15 3.53 -2.97 6.57
C ARG A 15 4.78 -2.98 7.46
N TYR A 16 5.92 -2.63 6.89
CA TYR A 16 7.17 -2.61 7.64
C TYR A 16 7.48 -3.99 8.23
N ARG A 17 8.71 -4.17 8.69
CA ARG A 17 9.12 -5.44 9.28
C ARG A 17 10.51 -5.32 9.90
N LYS A 1 -2.49 -3.35 -2.50
CA LYS A 1 -3.84 -2.84 -2.15
C LYS A 1 -3.81 -2.07 -0.84
N TRP A 2 -3.00 -1.00 -0.78
CA TRP A 2 -2.91 -0.21 0.44
C TRP A 2 -4.29 0.24 0.90
N TYR A 3 -4.66 1.47 0.54
CA TYR A 3 -5.96 2.04 0.93
C TYR A 3 -6.81 2.47 -0.27
N PHE A 4 -7.29 3.73 -0.26
CA PHE A 4 -8.14 4.26 -1.32
C PHE A 4 -7.75 3.79 -2.72
N ARG A 5 -6.45 3.75 -3.01
CA ARG A 5 -6.01 3.29 -4.32
C ARG A 5 -6.25 1.81 -4.45
N VAL A 6 -5.93 1.08 -3.39
CA VAL A 6 -6.14 -0.37 -3.35
C VAL A 6 -6.23 -1.00 -4.74
N TYR A 7 -5.11 -0.97 -5.46
CA TYR A 7 -5.07 -1.52 -6.81
C TYR A 7 -3.66 -1.98 -7.17
N TYR A 8 -2.85 -2.27 -6.15
CA TYR A 8 -1.48 -2.69 -6.38
C TYR A 8 -1.09 -3.86 -5.45
N ARG A 9 -0.48 -3.54 -4.31
CA ARG A 9 -0.04 -4.55 -3.34
C ARG A 9 0.16 -3.89 -1.99
N GLY A 10 1.10 -2.95 -1.96
CA GLY A 10 1.38 -2.22 -0.75
C GLY A 10 2.12 -0.94 -1.03
N ILE A 11 1.50 -0.10 -1.85
CA ILE A 11 2.06 1.19 -2.26
C ILE A 11 3.05 1.74 -1.24
N TYR A 12 2.52 2.28 -0.14
CA TYR A 12 3.36 2.87 0.88
C TYR A 12 4.24 3.95 0.26
N TYR A 13 3.76 4.50 -0.86
CA TYR A 13 4.49 5.54 -1.58
C TYR A 13 4.80 6.73 -0.67
N ARG A 14 4.00 6.88 0.39
CA ARG A 14 4.21 7.97 1.34
C ARG A 14 4.85 7.44 2.62
N ARG A 15 4.26 6.39 3.18
CA ARG A 15 4.77 5.79 4.40
C ARG A 15 6.13 5.15 4.14
N TYR A 16 6.14 4.15 3.26
CA TYR A 16 7.37 3.45 2.90
C TYR A 16 8.01 2.79 4.12
N ARG A 17 8.15 1.47 4.06
CA ARG A 17 8.74 0.71 5.16
C ARG A 17 10.25 0.93 5.21
N LYS A 1 -0.53 3.91 -0.59
CA LYS A 1 -1.63 3.11 -1.21
C LYS A 1 -2.15 2.04 -0.23
N TRP A 2 -2.42 0.81 -0.69
CA TRP A 2 -2.95 -0.29 0.14
C TRP A 2 -4.41 -0.07 0.61
N TYR A 3 -4.94 1.15 0.47
CA TYR A 3 -6.33 1.45 0.85
C TYR A 3 -6.97 2.42 -0.15
N PHE A 4 -6.66 3.71 -0.01
CA PHE A 4 -7.20 4.74 -0.90
C PHE A 4 -6.68 4.54 -2.32
N ARG A 5 -7.05 3.42 -2.94
CA ARG A 5 -6.59 3.11 -4.29
C ARG A 5 -6.95 1.69 -4.70
N VAL A 6 -6.68 0.75 -3.79
CA VAL A 6 -6.92 -0.67 -4.02
C VAL A 6 -6.61 -1.05 -5.48
N TYR A 7 -5.33 -1.00 -5.79
CA TYR A 7 -4.83 -1.30 -7.13
C TYR A 7 -3.41 -1.83 -7.09
N TYR A 8 -2.95 -2.20 -5.90
CA TYR A 8 -1.58 -2.67 -5.71
C TYR A 8 -1.43 -3.47 -4.42
N ARG A 9 -0.20 -3.83 -4.08
CA ARG A 9 0.07 -4.58 -2.86
C ARG A 9 1.58 -4.76 -2.67
N GLY A 10 2.25 -3.68 -2.31
CA GLY A 10 3.69 -3.74 -2.10
C GLY A 10 4.23 -2.69 -1.13
N ILE A 11 3.47 -1.61 -0.92
CA ILE A 11 3.88 -0.53 0.00
C ILE A 11 4.64 -1.07 1.21
N TYR A 12 3.90 -1.68 2.11
CA TYR A 12 4.44 -2.23 3.34
C TYR A 12 3.27 -2.58 4.26
N TYR A 13 2.17 -1.85 4.10
CA TYR A 13 0.96 -2.07 4.89
C TYR A 13 0.71 -3.57 5.05
N ARG A 14 0.98 -4.31 4.00
CA ARG A 14 0.76 -5.75 4.01
C ARG A 14 1.69 -6.46 4.99
N ARG A 15 2.95 -6.02 5.06
CA ARG A 15 3.91 -6.61 5.98
C ARG A 15 3.56 -6.27 7.43
N TYR A 16 2.64 -5.33 7.60
CA TYR A 16 2.21 -4.89 8.93
C TYR A 16 1.90 -6.08 9.83
N ARG A 17 1.67 -5.80 11.11
CA ARG A 17 1.36 -6.85 12.07
C ARG A 17 1.13 -6.26 13.46
N LYS A 1 -1.75 -1.87 -1.35
CA LYS A 1 -2.75 -2.72 -0.65
C LYS A 1 -3.09 -2.15 0.72
N TRP A 2 -2.88 -0.83 0.91
CA TRP A 2 -3.16 -0.22 2.21
C TRP A 2 -4.25 0.86 2.20
N TYR A 3 -5.13 0.87 1.16
CA TYR A 3 -6.27 1.81 1.04
C TYR A 3 -6.32 2.63 -0.26
N PHE A 4 -6.90 3.84 -0.17
CA PHE A 4 -7.14 4.75 -1.32
C PHE A 4 -6.43 4.39 -2.62
N ARG A 5 -6.99 3.42 -3.33
CA ARG A 5 -6.50 3.02 -4.64
C ARG A 5 -6.88 1.58 -4.96
N VAL A 6 -6.59 0.67 -4.02
CA VAL A 6 -6.86 -0.76 -4.21
C VAL A 6 -6.67 -1.16 -5.66
N TYR A 7 -5.42 -1.07 -6.09
CA TYR A 7 -5.02 -1.38 -7.44
C TYR A 7 -3.59 -1.92 -7.48
N TYR A 8 -3.05 -2.25 -6.30
CA TYR A 8 -1.67 -2.69 -6.20
C TYR A 8 -1.39 -3.29 -4.82
N ARG A 9 -0.15 -3.73 -4.58
CA ARG A 9 0.19 -4.34 -3.31
C ARG A 9 1.66 -4.16 -2.94
N GLY A 10 2.51 -3.99 -3.93
CA GLY A 10 3.92 -3.85 -3.70
C GLY A 10 4.29 -2.77 -2.68
N ILE A 11 3.30 -2.01 -2.18
CA ILE A 11 3.59 -0.95 -1.20
C ILE A 11 4.50 -1.47 -0.10
N TYR A 12 4.09 -2.56 0.54
CA TYR A 12 4.88 -3.15 1.62
C TYR A 12 4.94 -2.20 2.79
N TYR A 13 3.88 -1.41 2.96
CA TYR A 13 3.84 -0.44 4.05
C TYR A 13 3.94 -1.14 5.41
N ARG A 14 3.17 -2.22 5.57
CA ARG A 14 3.18 -2.97 6.83
C ARG A 14 3.64 -4.42 6.60
N ARG A 15 3.57 -4.88 5.36
CA ARG A 15 3.97 -6.24 5.03
C ARG A 15 5.30 -6.60 5.68
N TYR A 16 6.40 -6.08 5.15
CA TYR A 16 7.72 -6.35 5.70
C TYR A 16 8.13 -7.80 5.48
N ARG A 17 7.42 -8.71 6.13
CA ARG A 17 7.72 -10.13 6.00
C ARG A 17 7.54 -10.59 4.56
N LYS A 1 -6.22 -3.19 -0.91
CA LYS A 1 -4.88 -3.44 -0.33
C LYS A 1 -4.48 -2.33 0.64
N TRP A 2 -4.03 -1.21 0.10
CA TRP A 2 -3.63 -0.07 0.91
C TRP A 2 -4.85 0.57 1.59
N TYR A 3 -5.30 1.70 1.07
CA TYR A 3 -6.43 2.41 1.62
C TYR A 3 -7.25 3.11 0.53
N PHE A 4 -6.57 3.66 -0.47
CA PHE A 4 -7.26 4.35 -1.56
C PHE A 4 -6.91 3.75 -2.92
N ARG A 5 -5.68 3.25 -3.07
CA ARG A 5 -5.26 2.65 -4.34
C ARG A 5 -5.90 1.30 -4.48
N VAL A 6 -5.60 0.42 -3.53
CA VAL A 6 -6.16 -0.91 -3.51
C VAL A 6 -6.24 -1.52 -4.91
N TYR A 7 -5.33 -1.12 -5.78
CA TYR A 7 -5.29 -1.63 -7.13
C TYR A 7 -3.85 -1.97 -7.47
N TYR A 8 -3.11 -2.42 -6.46
CA TYR A 8 -1.71 -2.76 -6.66
C TYR A 8 -1.16 -3.66 -5.56
N ARG A 9 -0.85 -3.04 -4.41
CA ARG A 9 -0.22 -3.71 -3.28
C ARG A 9 1.15 -3.08 -3.12
N GLY A 10 2.11 -3.79 -2.57
CA GLY A 10 3.47 -3.27 -2.44
C GLY A 10 3.65 -1.76 -2.22
N ILE A 11 2.58 -0.99 -2.02
CA ILE A 11 2.73 0.46 -1.84
C ILE A 11 3.48 0.77 -0.55
N TYR A 12 3.87 2.03 -0.41
CA TYR A 12 4.59 2.48 0.78
C TYR A 12 3.92 2.00 2.06
N TYR A 13 2.60 1.69 1.97
CA TYR A 13 1.86 1.19 3.13
C TYR A 13 2.70 0.19 3.89
N ARG A 14 3.27 -0.73 3.12
CA ARG A 14 4.10 -1.79 3.69
C ARG A 14 5.52 -1.27 3.98
N ARG A 15 5.96 -0.29 3.21
CA ARG A 15 7.29 0.29 3.39
C ARG A 15 7.48 0.83 4.80
N TYR A 16 6.39 1.33 5.39
CA TYR A 16 6.43 1.90 6.73
C TYR A 16 7.22 1.01 7.70
N ARG A 17 7.84 1.65 8.69
CA ARG A 17 8.64 0.94 9.69
C ARG A 17 7.79 -0.09 10.42
N LYS A 1 -2.66 -4.35 -0.26
CA LYS A 1 -3.51 -3.17 -0.56
C LYS A 1 -3.36 -2.11 0.52
N TRP A 2 -2.89 -0.89 0.18
CA TRP A 2 -2.74 0.10 1.22
C TRP A 2 -4.10 0.72 1.58
N TYR A 3 -4.44 1.91 1.13
CA TYR A 3 -5.73 2.50 1.45
C TYR A 3 -6.82 2.35 0.35
N PHE A 4 -7.37 3.48 -0.13
CA PHE A 4 -8.50 3.48 -1.08
C PHE A 4 -8.28 2.85 -2.48
N ARG A 5 -7.48 3.48 -3.34
CA ARG A 5 -7.26 3.00 -4.70
C ARG A 5 -6.49 1.71 -4.68
N VAL A 6 -5.23 1.84 -4.31
CA VAL A 6 -4.33 0.73 -4.16
C VAL A 6 -4.09 -0.02 -5.48
N TYR A 7 -5.14 -0.57 -6.08
CA TYR A 7 -5.04 -1.29 -7.37
C TYR A 7 -3.75 -2.09 -7.48
N TYR A 8 -3.21 -2.46 -6.33
CA TYR A 8 -1.95 -3.17 -6.24
C TYR A 8 -1.81 -3.79 -4.84
N ARG A 9 -0.68 -4.45 -4.55
CA ARG A 9 -0.49 -5.08 -3.24
C ARG A 9 0.41 -4.29 -2.29
N GLY A 10 -0.22 -3.46 -1.46
CA GLY A 10 0.50 -2.67 -0.46
C GLY A 10 1.66 -1.88 -1.03
N ILE A 11 1.35 -0.69 -1.55
CA ILE A 11 2.38 0.17 -2.12
C ILE A 11 3.43 0.53 -1.07
N TYR A 12 2.97 0.74 0.16
CA TYR A 12 3.85 1.10 1.25
C TYR A 12 4.64 2.37 0.91
N TYR A 13 4.08 3.18 0.02
CA TYR A 13 4.73 4.42 -0.38
C TYR A 13 4.15 5.63 0.34
N ARG A 14 3.25 5.38 1.28
CA ARG A 14 2.62 6.47 2.03
C ARG A 14 2.57 6.14 3.52
N ARG A 15 1.82 5.09 3.87
CA ARG A 15 1.68 4.67 5.27
C ARG A 15 3.06 4.58 5.94
N TYR A 16 3.96 3.85 5.32
CA TYR A 16 5.32 3.68 5.85
C TYR A 16 5.28 3.11 7.26
N ARG A 17 6.44 2.68 7.75
CA ARG A 17 6.55 2.10 9.08
C ARG A 17 5.63 0.89 9.23
N LYS A 1 -5.04 -4.39 1.06
CA LYS A 1 -3.80 -3.56 1.12
C LYS A 1 -4.09 -2.21 1.79
N TRP A 2 -3.35 -1.18 1.41
CA TRP A 2 -3.54 0.15 2.01
C TRP A 2 -5.00 0.57 2.05
N TYR A 3 -5.45 1.18 0.95
CA TYR A 3 -6.78 1.70 0.84
C TYR A 3 -6.94 2.66 -0.33
N PHE A 4 -6.24 3.79 -0.25
CA PHE A 4 -6.30 4.85 -1.27
C PHE A 4 -5.91 4.41 -2.66
N ARG A 5 -6.53 3.36 -3.19
CA ARG A 5 -6.19 2.95 -4.55
C ARG A 5 -6.72 1.56 -4.90
N VAL A 6 -6.72 0.66 -3.91
CA VAL A 6 -7.12 -0.73 -4.11
C VAL A 6 -6.91 -1.16 -5.55
N TYR A 7 -5.65 -1.34 -5.89
CA TYR A 7 -5.24 -1.73 -7.25
C TYR A 7 -3.75 -2.05 -7.28
N TYR A 8 -3.16 -2.35 -6.12
CA TYR A 8 -1.73 -2.54 -6.08
C TYR A 8 -1.23 -3.21 -4.80
N ARG A 9 0.07 -3.52 -4.77
CA ARG A 9 0.70 -4.15 -3.61
C ARG A 9 2.21 -3.86 -3.57
N GLY A 10 2.58 -2.61 -3.29
CA GLY A 10 3.98 -2.26 -3.23
C GLY A 10 4.30 -1.05 -2.36
N ILE A 11 3.30 -0.18 -2.12
CA ILE A 11 3.53 1.02 -1.30
C ILE A 11 4.24 0.64 -0.01
N TYR A 12 3.79 -0.46 0.59
CA TYR A 12 4.36 -0.94 1.85
C TYR A 12 4.51 0.20 2.85
N TYR A 13 3.66 1.21 2.72
CA TYR A 13 3.72 2.35 3.62
C TYR A 13 2.61 2.26 4.68
N ARG A 14 2.24 1.03 5.01
CA ARG A 14 1.20 0.78 6.00
C ARG A 14 1.09 -0.72 6.27
N ARG A 15 1.36 -1.53 5.26
CA ARG A 15 1.30 -2.99 5.37
C ARG A 15 1.95 -3.48 6.65
N TYR A 16 2.91 -2.72 7.16
CA TYR A 16 3.62 -3.07 8.40
C TYR A 16 2.66 -3.60 9.46
N ARG A 17 1.43 -3.10 9.45
CA ARG A 17 0.42 -3.53 10.41
C ARG A 17 -0.51 -4.57 9.79
N LYS A 1 -5.66 -4.42 1.02
CA LYS A 1 -4.65 -3.96 0.02
C LYS A 1 -4.64 -2.45 -0.09
N TRP A 2 -3.46 -1.86 0.11
CA TRP A 2 -3.29 -0.40 0.02
C TRP A 2 -4.48 0.34 0.63
N TYR A 3 -4.80 1.54 0.12
CA TYR A 3 -5.87 2.29 0.69
C TYR A 3 -6.84 2.91 -0.35
N PHE A 4 -7.02 4.25 -0.30
CA PHE A 4 -7.96 4.97 -1.17
C PHE A 4 -8.12 4.38 -2.55
N ARG A 5 -7.07 3.76 -3.09
CA ARG A 5 -7.15 3.19 -4.43
C ARG A 5 -7.02 1.67 -4.41
N VAL A 6 -6.32 1.14 -3.43
CA VAL A 6 -6.17 -0.31 -3.29
C VAL A 6 -6.07 -1.00 -4.65
N TYR A 7 -4.98 -0.74 -5.35
CA TYR A 7 -4.76 -1.32 -6.68
C TYR A 7 -3.36 -1.91 -6.84
N TYR A 8 -2.62 -1.99 -5.73
CA TYR A 8 -1.26 -2.51 -5.76
C TYR A 8 -1.03 -3.55 -4.67
N ARG A 9 0.08 -4.29 -4.78
CA ARG A 9 0.39 -5.33 -3.80
C ARG A 9 1.77 -5.16 -3.16
N GLY A 10 1.77 -4.90 -1.86
CA GLY A 10 3.01 -4.77 -1.09
C GLY A 10 3.92 -3.64 -1.53
N ILE A 11 3.75 -2.48 -0.92
CA ILE A 11 4.57 -1.31 -1.23
C ILE A 11 5.48 -0.95 -0.07
N TYR A 12 4.99 -1.16 1.15
CA TYR A 12 5.76 -0.84 2.35
C TYR A 12 6.01 0.66 2.44
N TYR A 13 5.22 1.44 1.71
CA TYR A 13 5.35 2.89 1.70
C TYR A 13 4.80 3.48 3.00
N ARG A 14 3.47 3.42 3.15
CA ARG A 14 2.82 3.95 4.34
C ARG A 14 2.50 2.82 5.31
N ARG A 15 3.30 1.75 5.26
CA ARG A 15 3.12 0.60 6.12
C ARG A 15 4.01 0.70 7.37
N TYR A 16 5.09 1.46 7.25
CA TYR A 16 6.03 1.64 8.35
C TYR A 16 5.29 1.95 9.66
N ARG A 17 4.21 2.72 9.55
CA ARG A 17 3.42 3.09 10.72
C ARG A 17 2.04 3.57 10.31
N LYS A 1 -2.77 0.25 -3.99
CA LYS A 1 -2.85 -0.73 -2.88
C LYS A 1 -3.03 -0.02 -1.53
N TRP A 2 -3.26 -0.81 -0.48
CA TRP A 2 -3.50 -0.32 0.86
C TRP A 2 -4.21 1.02 0.86
N TYR A 3 -5.53 0.95 1.01
CA TYR A 3 -6.41 2.13 1.09
C TYR A 3 -6.90 2.67 -0.25
N PHE A 4 -7.35 3.94 -0.21
CA PHE A 4 -7.90 4.67 -1.36
C PHE A 4 -7.59 4.01 -2.70
N ARG A 5 -6.32 3.90 -3.04
CA ARG A 5 -5.92 3.30 -4.31
C ARG A 5 -6.36 1.84 -4.38
N VAL A 6 -5.88 1.03 -3.45
CA VAL A 6 -6.25 -0.38 -3.41
C VAL A 6 -6.36 -0.96 -4.83
N TYR A 7 -5.22 -1.15 -5.45
CA TYR A 7 -5.14 -1.67 -6.82
C TYR A 7 -3.70 -2.06 -7.14
N TYR A 8 -2.95 -2.45 -6.11
CA TYR A 8 -1.54 -2.79 -6.29
C TYR A 8 -1.14 -3.94 -5.34
N ARG A 9 -0.07 -3.75 -4.55
CA ARG A 9 0.38 -4.77 -3.62
C ARG A 9 1.70 -4.35 -2.95
N GLY A 10 1.86 -3.05 -2.69
CA GLY A 10 3.08 -2.56 -2.07
C GLY A 10 2.89 -1.32 -1.22
N ILE A 11 3.30 -0.16 -1.75
CA ILE A 11 3.22 1.10 -1.05
C ILE A 11 4.22 1.15 0.12
N TYR A 12 4.20 0.10 0.94
CA TYR A 12 5.09 0.03 2.09
C TYR A 12 4.55 0.94 3.19
N TYR A 13 3.22 1.02 3.26
CA TYR A 13 2.57 1.87 4.25
C TYR A 13 2.77 1.34 5.65
N ARG A 14 2.42 0.08 5.85
CA ARG A 14 2.56 -0.56 7.16
C ARG A 14 3.74 -1.52 7.20
N ARG A 15 4.77 -1.22 6.41
CA ARG A 15 5.96 -2.06 6.36
C ARG A 15 7.02 -1.56 7.35
N TYR A 16 7.08 -0.24 7.50
CA TYR A 16 8.04 0.39 8.41
C TYR A 16 9.43 -0.26 8.33
N ARG A 17 9.94 -0.40 7.11
CA ARG A 17 11.24 -1.01 6.89
C ARG A 17 11.25 -2.46 7.36
N LYS A 1 -1.76 -3.48 1.69
CA LYS A 1 -3.18 -3.21 1.32
C LYS A 1 -3.46 -1.72 1.22
N TRP A 2 -2.44 -0.96 0.79
CA TRP A 2 -2.55 0.47 0.65
C TRP A 2 -3.93 0.86 0.12
N TYR A 3 -4.71 1.18 1.10
CA TYR A 3 -6.12 1.58 1.04
C TYR A 3 -6.51 2.41 -0.20
N PHE A 4 -7.03 3.62 0.05
CA PHE A 4 -7.54 4.53 -0.99
C PHE A 4 -6.93 4.34 -2.37
N ARG A 5 -7.37 3.29 -3.05
CA ARG A 5 -6.93 2.98 -4.41
C ARG A 5 -6.94 1.48 -4.65
N VAL A 6 -6.24 0.77 -3.78
CA VAL A 6 -6.12 -0.68 -3.84
C VAL A 6 -6.03 -1.19 -5.28
N TYR A 7 -4.91 -0.89 -5.93
CA TYR A 7 -4.68 -1.31 -7.31
C TYR A 7 -3.37 -2.08 -7.44
N TYR A 8 -2.53 -2.02 -6.42
CA TYR A 8 -1.24 -2.69 -6.45
C TYR A 8 -1.18 -3.83 -5.42
N ARG A 9 -0.91 -3.49 -4.16
CA ARG A 9 -0.80 -4.49 -3.11
C ARG A 9 -0.43 -3.84 -1.78
N GLY A 10 0.45 -2.85 -1.84
CA GLY A 10 0.85 -2.15 -0.64
C GLY A 10 2.12 -1.35 -0.81
N ILE A 11 1.95 -0.10 -1.22
CA ILE A 11 3.05 0.83 -1.42
C ILE A 11 4.15 0.68 -0.36
N TYR A 12 3.92 1.28 0.79
CA TYR A 12 4.87 1.24 1.90
C TYR A 12 4.34 2.08 3.05
N TYR A 13 3.02 2.05 3.23
CA TYR A 13 2.35 2.81 4.28
C TYR A 13 2.92 2.49 5.65
N ARG A 14 3.19 1.21 5.90
CA ARG A 14 3.73 0.78 7.19
C ARG A 14 5.15 0.25 7.07
N ARG A 15 5.81 0.53 5.94
CA ARG A 15 7.18 0.09 5.73
C ARG A 15 8.07 1.27 5.41
N TYR A 16 7.70 2.44 5.90
CA TYR A 16 8.45 3.66 5.66
C TYR A 16 9.94 3.47 5.99
N ARG A 17 10.75 4.47 5.64
CA ARG A 17 12.18 4.43 5.89
C ARG A 17 12.46 4.26 7.39
N LYS A 1 -3.24 -0.76 -3.85
CA LYS A 1 -2.34 -0.14 -2.86
C LYS A 1 -2.98 -0.17 -1.48
N TRP A 2 -2.18 0.11 -0.46
CA TRP A 2 -2.62 0.05 0.94
C TRP A 2 -4.13 0.25 1.17
N TYR A 3 -4.81 1.12 0.41
CA TYR A 3 -6.22 1.36 0.68
C TYR A 3 -6.93 2.25 -0.36
N PHE A 4 -6.92 3.57 -0.11
CA PHE A 4 -7.62 4.55 -0.96
C PHE A 4 -7.49 4.28 -2.46
N ARG A 5 -6.49 3.52 -2.89
CA ARG A 5 -6.33 3.26 -4.32
C ARG A 5 -6.71 1.82 -4.68
N VAL A 6 -6.37 0.89 -3.79
CA VAL A 6 -6.72 -0.52 -4.00
C VAL A 6 -6.55 -0.94 -5.47
N TYR A 7 -5.30 -0.97 -5.91
CA TYR A 7 -4.92 -1.33 -7.26
C TYR A 7 -3.48 -1.82 -7.28
N TYR A 8 -3.02 -2.27 -6.11
CA TYR A 8 -1.66 -2.73 -5.91
C TYR A 8 -1.54 -3.47 -4.58
N ARG A 9 -0.35 -3.97 -4.25
CA ARG A 9 -0.16 -4.68 -2.99
C ARG A 9 1.10 -4.24 -2.24
N GLY A 10 0.87 -3.60 -1.09
CA GLY A 10 1.94 -3.14 -0.23
C GLY A 10 2.97 -2.26 -0.90
N ILE A 11 2.70 -0.95 -0.90
CA ILE A 11 3.62 0.01 -1.50
C ILE A 11 4.84 0.22 -0.61
N TYR A 12 4.61 0.28 0.69
CA TYR A 12 5.70 0.50 1.65
C TYR A 12 6.32 1.86 1.42
N TYR A 13 5.55 2.91 1.69
CA TYR A 13 6.01 4.28 1.49
C TYR A 13 6.62 4.86 2.76
N ARG A 14 5.93 4.69 3.89
CA ARG A 14 6.42 5.21 5.16
C ARG A 14 6.24 4.20 6.29
N ARG A 15 6.71 2.98 6.05
CA ARG A 15 6.60 1.92 7.05
C ARG A 15 7.95 1.24 7.25
N TYR A 16 9.02 2.04 7.21
CA TYR A 16 10.36 1.52 7.38
C TYR A 16 10.74 1.43 8.85
N ARG A 17 9.91 0.75 9.63
CA ARG A 17 10.15 0.58 11.06
C ARG A 17 10.26 -0.90 11.43
N LYS A 1 -2.87 -3.40 -2.51
CA LYS A 1 -4.18 -2.77 -2.23
C LYS A 1 -4.22 -2.22 -0.81
N TRP A 2 -3.20 -1.45 -0.43
CA TRP A 2 -3.16 -0.90 0.91
C TRP A 2 -4.45 -0.18 1.28
N TYR A 3 -4.58 1.06 0.84
CA TYR A 3 -5.75 1.89 1.14
C TYR A 3 -6.37 2.46 -0.13
N PHE A 4 -6.51 3.79 -0.19
CA PHE A 4 -7.09 4.45 -1.36
C PHE A 4 -6.49 3.89 -2.64
N ARG A 5 -7.33 3.78 -3.67
CA ARG A 5 -6.91 3.26 -4.96
C ARG A 5 -7.00 1.75 -4.94
N VAL A 6 -6.44 1.17 -3.89
CA VAL A 6 -6.47 -0.27 -3.69
C VAL A 6 -6.46 -1.02 -5.03
N TYR A 7 -5.33 -0.90 -5.71
CA TYR A 7 -5.14 -1.50 -7.02
C TYR A 7 -3.71 -2.02 -7.19
N TYR A 8 -3.00 -2.16 -6.07
CA TYR A 8 -1.61 -2.60 -6.10
C TYR A 8 -1.33 -3.53 -4.89
N ARG A 9 -0.40 -3.16 -3.98
CA ARG A 9 -0.07 -3.96 -2.80
C ARG A 9 1.36 -3.76 -2.34
N GLY A 10 2.31 -4.21 -3.13
CA GLY A 10 3.71 -4.08 -2.78
C GLY A 10 4.21 -2.64 -2.68
N ILE A 11 3.32 -1.70 -2.35
CA ILE A 11 3.72 -0.29 -2.25
C ILE A 11 4.44 -0.02 -0.93
N TYR A 12 3.90 -0.57 0.16
CA TYR A 12 4.48 -0.37 1.47
C TYR A 12 4.34 1.09 1.90
N TYR A 13 3.50 1.84 1.17
CA TYR A 13 3.24 3.25 1.44
C TYR A 13 4.50 3.98 1.96
N ARG A 14 4.70 3.97 3.27
CA ARG A 14 5.85 4.62 3.88
C ARG A 14 6.91 3.60 4.23
N ARG A 15 6.70 2.90 5.36
CA ARG A 15 7.62 1.87 5.84
C ARG A 15 9.08 2.18 5.49
N TYR A 16 9.53 1.72 4.32
CA TYR A 16 10.91 1.93 3.87
C TYR A 16 11.91 1.84 5.01
N ARG A 17 11.64 0.97 5.97
CA ARG A 17 12.52 0.78 7.12
C ARG A 17 13.94 0.45 6.68
N LYS A 1 -2.57 -3.76 -2.09
CA LYS A 1 -3.64 -2.72 -2.18
C LYS A 1 -4.00 -2.19 -0.81
N TRP A 2 -3.25 -1.21 -0.33
CA TRP A 2 -3.50 -0.66 0.99
C TRP A 2 -4.88 -0.02 1.14
N TYR A 3 -5.00 1.25 0.76
CA TYR A 3 -6.26 1.99 0.92
C TYR A 3 -6.72 2.70 -0.37
N PHE A 4 -6.91 4.03 -0.28
CA PHE A 4 -7.39 4.88 -1.38
C PHE A 4 -7.50 4.17 -2.74
N ARG A 5 -6.37 3.88 -3.35
CA ARG A 5 -6.35 3.26 -4.67
C ARG A 5 -6.67 1.79 -4.61
N VAL A 6 -6.25 1.12 -3.55
CA VAL A 6 -6.53 -0.29 -3.37
C VAL A 6 -6.49 -1.03 -4.71
N TYR A 7 -5.30 -1.13 -5.30
CA TYR A 7 -5.14 -1.78 -6.59
C TYR A 7 -3.81 -2.55 -6.68
N TYR A 8 -2.73 -1.93 -6.20
CA TYR A 8 -1.41 -2.55 -6.22
C TYR A 8 -1.00 -3.01 -4.83
N ARG A 9 -0.12 -4.02 -4.77
CA ARG A 9 0.33 -4.56 -3.49
C ARG A 9 1.80 -4.26 -3.21
N GLY A 10 2.04 -3.27 -2.35
CA GLY A 10 3.38 -2.89 -1.98
C GLY A 10 3.41 -1.49 -1.40
N ILE A 11 3.72 -0.52 -2.25
CA ILE A 11 3.75 0.88 -1.87
C ILE A 11 4.84 1.19 -0.83
N TYR A 12 4.94 0.36 0.20
CA TYR A 12 5.93 0.57 1.26
C TYR A 12 5.51 1.75 2.13
N TYR A 13 4.23 1.77 2.50
CA TYR A 13 3.69 2.85 3.30
C TYR A 13 4.07 2.70 4.78
N ARG A 14 3.82 1.52 5.34
CA ARG A 14 4.13 1.27 6.75
C ARG A 14 4.99 0.01 6.93
N ARG A 15 4.93 -0.91 5.96
CA ARG A 15 5.70 -2.14 6.02
C ARG A 15 7.19 -1.87 6.23
N TYR A 16 7.62 -0.65 5.91
CA TYR A 16 9.03 -0.26 6.06
C TYR A 16 9.59 -0.72 7.40
N ARG A 17 10.80 -1.29 7.37
CA ARG A 17 11.46 -1.77 8.58
C ARG A 17 12.97 -1.66 8.45
N LYS A 1 -1.67 -1.74 -3.04
CA LYS A 1 -3.08 -1.96 -2.63
C LYS A 1 -3.29 -1.55 -1.17
N TRP A 2 -2.64 -0.48 -0.75
CA TRP A 2 -2.75 -0.02 0.63
C TRP A 2 -4.16 0.38 1.09
N TYR A 3 -4.79 1.38 0.44
CA TYR A 3 -6.08 1.85 0.93
C TYR A 3 -7.02 2.51 -0.12
N PHE A 4 -7.27 3.81 0.05
CA PHE A 4 -8.21 4.57 -0.79
C PHE A 4 -8.11 4.36 -2.29
N ARG A 5 -7.13 3.64 -2.78
CA ARG A 5 -7.03 3.45 -4.22
C ARG A 5 -6.23 2.21 -4.54
N VAL A 6 -6.38 1.22 -3.69
CA VAL A 6 -5.66 -0.03 -3.81
C VAL A 6 -5.86 -0.72 -5.16
N TYR A 7 -4.76 -0.91 -5.86
CA TYR A 7 -4.77 -1.55 -7.15
C TYR A 7 -3.46 -2.34 -7.38
N TYR A 8 -2.72 -2.61 -6.30
CA TYR A 8 -1.46 -3.34 -6.43
C TYR A 8 -1.22 -4.32 -5.27
N ARG A 9 -0.51 -3.90 -4.20
CA ARG A 9 -0.22 -4.76 -3.04
C ARG A 9 0.98 -4.31 -2.19
N GLY A 10 1.19 -3.01 -2.02
CA GLY A 10 2.29 -2.56 -1.18
C GLY A 10 2.65 -1.11 -1.40
N ILE A 11 3.61 -0.88 -2.29
CA ILE A 11 4.09 0.44 -2.63
C ILE A 11 4.89 1.03 -1.49
N TYR A 12 4.22 1.25 -0.36
CA TYR A 12 4.86 1.85 0.81
C TYR A 12 5.49 3.17 0.42
N TYR A 13 4.90 3.84 -0.56
CA TYR A 13 5.39 5.12 -1.04
C TYR A 13 5.03 6.25 -0.08
N ARG A 14 3.84 6.16 0.51
CA ARG A 14 3.38 7.18 1.45
C ARG A 14 2.72 6.55 2.66
N ARG A 15 3.03 5.27 2.92
CA ARG A 15 2.46 4.56 4.06
C ARG A 15 2.89 5.21 5.37
N TYR A 16 4.19 5.20 5.63
CA TYR A 16 4.74 5.79 6.84
C TYR A 16 4.11 5.16 8.08
N ARG A 17 4.15 5.88 9.20
CA ARG A 17 3.58 5.38 10.46
C ARG A 17 2.16 4.86 10.24
N LYS A 1 -1.11 -1.93 -1.65
CA LYS A 1 -2.52 -2.35 -1.43
C LYS A 1 -3.03 -1.89 -0.08
N TRP A 2 -3.10 -0.56 0.15
CA TRP A 2 -3.57 -0.09 1.44
C TRP A 2 -5.02 0.44 1.45
N TYR A 3 -5.21 1.76 1.45
CA TYR A 3 -6.56 2.34 1.55
C TYR A 3 -7.32 2.64 0.22
N PHE A 4 -7.26 3.90 -0.23
CA PHE A 4 -8.03 4.36 -1.40
C PHE A 4 -7.82 3.57 -2.70
N ARG A 5 -6.66 3.71 -3.34
CA ARG A 5 -6.41 3.01 -4.61
C ARG A 5 -6.13 1.55 -4.35
N VAL A 6 -4.92 1.27 -3.88
CA VAL A 6 -4.53 -0.09 -3.55
C VAL A 6 -4.84 -1.03 -4.73
N TYR A 7 -4.84 -0.47 -5.93
CA TYR A 7 -5.08 -1.22 -7.15
C TYR A 7 -4.32 -2.55 -7.09
N TYR A 8 -3.07 -2.45 -6.67
CA TYR A 8 -2.21 -3.61 -6.52
C TYR A 8 -1.65 -3.70 -5.09
N ARG A 9 -0.48 -4.30 -4.90
CA ARG A 9 0.08 -4.46 -3.55
C ARG A 9 1.51 -3.96 -3.38
N GLY A 10 2.32 -4.04 -4.44
CA GLY A 10 3.72 -3.60 -4.35
C GLY A 10 3.91 -2.32 -3.55
N ILE A 11 2.83 -1.55 -3.43
CA ILE A 11 2.81 -0.28 -2.73
C ILE A 11 3.91 -0.11 -1.68
N TYR A 12 4.34 1.14 -1.56
CA TYR A 12 5.32 1.54 -0.57
C TYR A 12 4.56 1.81 0.73
N TYR A 13 3.29 2.21 0.55
CA TYR A 13 2.34 2.51 1.63
C TYR A 13 2.86 3.51 2.67
N ARG A 14 3.83 3.12 3.51
CA ARG A 14 4.35 4.01 4.55
C ARG A 14 5.73 4.56 4.19
N ARG A 15 6.76 3.74 4.41
CA ARG A 15 8.14 4.10 4.11
C ARG A 15 8.38 5.63 4.11
N TYR A 16 8.91 6.16 3.01
CA TYR A 16 9.16 7.59 2.88
C TYR A 16 10.32 8.03 3.77
N ARG A 17 10.10 8.01 5.08
CA ARG A 17 11.13 8.41 6.03
C ARG A 17 11.24 7.39 7.17
N LYS A 1 -2.53 -2.01 -3.00
CA LYS A 1 -3.72 -2.48 -2.26
C LYS A 1 -3.81 -1.84 -0.87
N TRP A 2 -2.86 -0.97 -0.54
CA TRP A 2 -2.86 -0.34 0.76
C TRP A 2 -4.19 0.36 1.09
N TYR A 3 -4.39 1.57 0.59
CA TYR A 3 -5.62 2.30 0.89
C TYR A 3 -6.30 2.87 -0.36
N PHE A 4 -7.41 3.57 -0.10
CA PHE A 4 -8.26 4.23 -1.10
C PHE A 4 -8.16 3.65 -2.53
N ARG A 5 -7.01 3.78 -3.19
CA ARG A 5 -6.89 3.25 -4.55
C ARG A 5 -6.82 1.74 -4.55
N VAL A 6 -6.07 1.19 -3.61
CA VAL A 6 -5.93 -0.26 -3.47
C VAL A 6 -5.92 -0.95 -4.85
N TYR A 7 -4.85 -0.75 -5.61
CA TYR A 7 -4.74 -1.33 -6.94
C TYR A 7 -3.40 -2.04 -7.17
N TYR A 8 -2.51 -2.00 -6.19
CA TYR A 8 -1.20 -2.64 -6.33
C TYR A 8 -1.08 -3.93 -5.49
N ARG A 9 -0.74 -3.78 -4.20
CA ARG A 9 -0.58 -4.90 -3.27
C ARG A 9 0.36 -4.58 -2.12
N GLY A 10 -0.16 -3.91 -1.11
CA GLY A 10 0.64 -3.57 0.06
C GLY A 10 2.00 -3.00 -0.27
N ILE A 11 2.04 -1.70 -0.52
CA ILE A 11 3.29 -1.02 -0.86
C ILE A 11 4.32 -1.16 0.26
N TYR A 12 3.86 -1.50 1.47
CA TYR A 12 4.75 -1.66 2.61
C TYR A 12 5.33 -0.31 3.04
N TYR A 13 4.52 0.75 2.92
CA TYR A 13 4.96 2.08 3.30
C TYR A 13 4.91 2.27 4.82
N ARG A 14 3.81 1.86 5.42
CA ARG A 14 3.64 1.98 6.87
C ARG A 14 3.71 0.62 7.55
N ARG A 15 3.46 -0.45 6.78
CA ARG A 15 3.50 -1.80 7.31
C ARG A 15 4.78 -2.04 8.10
N TYR A 16 5.91 -1.99 7.42
CA TYR A 16 7.21 -2.20 8.06
C TYR A 16 7.32 -3.62 8.61
N ARG A 17 6.71 -3.83 9.77
CA ARG A 17 6.74 -5.14 10.42
C ARG A 17 5.40 -5.85 10.25
N LYS A 1 -3.04 -0.35 -3.91
CA LYS A 1 -1.95 0.54 -3.45
C LYS A 1 -2.28 1.17 -2.11
N TRP A 2 -2.11 0.38 -1.06
CA TRP A 2 -2.37 0.80 0.30
C TRP A 2 -3.79 0.41 0.71
N TYR A 3 -4.69 1.31 0.43
CA TYR A 3 -6.10 1.21 0.73
C TYR A 3 -6.93 2.00 -0.29
N PHE A 4 -6.95 3.32 -0.13
CA PHE A 4 -7.73 4.20 -1.00
C PHE A 4 -7.53 3.88 -2.48
N ARG A 5 -6.41 3.29 -2.83
CA ARG A 5 -6.13 2.93 -4.23
C ARG A 5 -6.45 1.48 -4.50
N VAL A 6 -6.08 0.61 -3.56
CA VAL A 6 -6.35 -0.82 -3.67
C VAL A 6 -6.09 -1.34 -5.10
N TYR A 7 -5.15 -0.70 -5.80
CA TYR A 7 -4.80 -1.11 -7.16
C TYR A 7 -3.34 -1.55 -7.26
N TYR A 8 -2.78 -2.06 -6.15
CA TYR A 8 -1.39 -2.50 -6.14
C TYR A 8 -1.22 -3.72 -5.23
N ARG A 9 -1.12 -3.47 -3.93
CA ARG A 9 -0.93 -4.54 -2.95
C ARG A 9 -1.01 -3.97 -1.55
N GLY A 10 -0.04 -3.12 -1.23
CA GLY A 10 0.00 -2.49 0.06
C GLY A 10 1.27 -1.69 0.25
N ILE A 11 1.20 -0.45 -0.17
CA ILE A 11 2.33 0.47 -0.09
C ILE A 11 2.80 0.67 1.34
N TYR A 12 1.84 0.75 2.27
CA TYR A 12 2.12 0.96 3.69
C TYR A 12 3.38 1.78 3.92
N TYR A 13 3.60 2.76 3.02
CA TYR A 13 4.76 3.64 3.06
C TYR A 13 5.09 4.08 4.49
N ARG A 14 4.06 4.47 5.24
CA ARG A 14 4.26 4.91 6.62
C ARG A 14 4.74 3.75 7.49
N ARG A 15 3.90 2.73 7.60
CA ARG A 15 4.25 1.55 8.40
C ARG A 15 5.37 0.76 7.73
N TYR A 16 6.60 1.23 7.90
CA TYR A 16 7.74 0.57 7.31
C TYR A 16 8.40 -0.39 8.31
N ARG A 17 7.69 -1.45 8.66
CA ARG A 17 8.19 -2.44 9.60
C ARG A 17 8.60 -3.72 8.88
N LYS A 1 -3.67 -5.02 0.20
CA LYS A 1 -3.33 -3.88 -0.69
C LYS A 1 -3.16 -2.59 0.11
N TRP A 2 -3.23 -1.45 -0.58
CA TRP A 2 -3.09 -0.17 0.05
C TRP A 2 -4.42 0.22 0.69
N TYR A 3 -5.07 1.28 0.19
CA TYR A 3 -6.32 1.72 0.76
C TYR A 3 -7.07 2.67 -0.19
N PHE A 4 -6.60 3.91 -0.23
CA PHE A 4 -7.21 4.96 -1.04
C PHE A 4 -7.44 4.52 -2.49
N ARG A 5 -6.66 3.54 -2.93
CA ARG A 5 -6.77 3.05 -4.30
C ARG A 5 -6.83 1.53 -4.34
N VAL A 6 -6.05 0.88 -3.47
CA VAL A 6 -6.02 -0.58 -3.40
C VAL A 6 -6.05 -1.23 -4.78
N TYR A 7 -5.07 -0.88 -5.62
CA TYR A 7 -4.99 -1.44 -6.97
C TYR A 7 -3.62 -2.07 -7.22
N TYR A 8 -2.83 -2.20 -6.17
CA TYR A 8 -1.49 -2.77 -6.27
C TYR A 8 -1.26 -3.75 -5.09
N ARG A 9 -0.42 -3.39 -4.12
CA ARG A 9 -0.15 -4.25 -2.94
C ARG A 9 1.25 -4.04 -2.39
N GLY A 10 2.24 -4.52 -3.13
CA GLY A 10 3.62 -4.41 -2.72
C GLY A 10 4.00 -3.09 -2.02
N ILE A 11 3.17 -2.03 -2.18
CA ILE A 11 3.47 -0.73 -1.56
C ILE A 11 4.13 -0.90 -0.19
N TYR A 12 4.82 0.15 0.24
CA TYR A 12 5.50 0.15 1.52
C TYR A 12 4.55 0.57 2.64
N TYR A 13 3.33 0.04 2.60
CA TYR A 13 2.34 0.36 3.63
C TYR A 13 2.55 -0.51 4.86
N ARG A 14 2.80 -1.80 4.62
CA ARG A 14 3.01 -2.75 5.71
C ARG A 14 4.50 -3.07 5.88
N ARG A 15 5.15 -3.49 4.81
CA ARG A 15 6.57 -3.83 4.85
C ARG A 15 7.37 -2.78 5.62
N TYR A 16 6.98 -1.53 5.41
CA TYR A 16 7.63 -0.38 6.03
C TYR A 16 8.32 -0.74 7.36
N ARG A 17 7.60 -1.47 8.22
CA ARG A 17 8.14 -1.86 9.50
C ARG A 17 8.19 -3.38 9.62
N LYS A 1 -2.99 1.99 -4.01
CA LYS A 1 -2.15 1.61 -2.85
C LYS A 1 -2.97 0.77 -1.88
N TRP A 2 -2.27 0.01 -1.04
CA TRP A 2 -2.90 -0.84 -0.02
C TRP A 2 -4.30 -0.34 0.35
N TYR A 3 -4.43 0.98 0.49
CA TYR A 3 -5.69 1.62 0.87
C TYR A 3 -6.45 2.27 -0.31
N PHE A 4 -6.86 3.53 -0.11
CA PHE A 4 -7.66 4.31 -1.08
C PHE A 4 -7.62 3.82 -2.54
N ARG A 5 -6.47 3.46 -3.09
CA ARG A 5 -6.43 3.01 -4.49
C ARG A 5 -6.50 1.50 -4.57
N VAL A 6 -5.84 0.84 -3.62
CA VAL A 6 -5.87 -0.62 -3.55
C VAL A 6 -5.75 -1.26 -4.94
N TYR A 7 -5.07 -0.56 -5.84
CA TYR A 7 -4.87 -1.06 -7.20
C TYR A 7 -3.76 -2.11 -7.21
N TYR A 8 -2.92 -2.09 -6.18
CA TYR A 8 -1.80 -3.03 -6.09
C TYR A 8 -1.72 -3.64 -4.68
N ARG A 9 -1.33 -2.81 -3.71
CA ARG A 9 -1.18 -3.23 -2.30
C ARG A 9 0.23 -3.68 -1.99
N GLY A 10 0.84 -3.04 -0.98
CA GLY A 10 2.19 -3.40 -0.60
C GLY A 10 3.24 -2.53 -1.25
N ILE A 11 2.80 -1.67 -2.18
CA ILE A 11 3.67 -0.76 -2.93
C ILE A 11 5.15 -0.89 -2.54
N TYR A 12 5.41 -0.64 -1.26
CA TYR A 12 6.75 -0.68 -0.68
C TYR A 12 7.20 0.73 -0.30
N TYR A 13 6.35 1.73 -0.56
CA TYR A 13 6.68 3.10 -0.23
C TYR A 13 6.44 3.34 1.27
N ARG A 14 5.30 2.87 1.75
CA ARG A 14 4.97 3.00 3.16
C ARG A 14 5.34 1.72 3.92
N ARG A 15 5.59 0.66 3.14
CA ARG A 15 5.97 -0.63 3.70
C ARG A 15 7.46 -0.66 4.03
N TYR A 16 7.81 -0.22 5.23
CA TYR A 16 9.20 -0.21 5.64
C TYR A 16 9.52 -1.39 6.55
N ARG A 17 10.73 -1.92 6.40
CA ARG A 17 11.16 -3.07 7.21
C ARG A 17 11.92 -2.61 8.45
N LYS A 1 -2.07 -4.74 0.89
CA LYS A 1 -2.94 -3.72 0.25
C LYS A 1 -3.06 -2.48 1.12
N TRP A 2 -2.55 -1.35 0.62
CA TRP A 2 -2.62 -0.10 1.34
C TRP A 2 -4.08 0.35 1.46
N TYR A 3 -4.49 1.35 0.69
CA TYR A 3 -5.87 1.83 0.75
C TYR A 3 -6.24 2.72 -0.44
N PHE A 4 -7.10 3.73 -0.19
CA PHE A 4 -7.62 4.68 -1.21
C PHE A 4 -7.15 4.44 -2.63
N ARG A 5 -7.46 3.29 -3.18
CA ARG A 5 -7.11 2.97 -4.55
C ARG A 5 -7.09 1.46 -4.74
N VAL A 6 -6.35 0.81 -3.85
CA VAL A 6 -6.19 -0.65 -3.83
C VAL A 6 -6.05 -1.21 -5.25
N TYR A 7 -5.05 -0.72 -5.97
CA TYR A 7 -4.77 -1.20 -7.32
C TYR A 7 -3.43 -1.95 -7.35
N TYR A 8 -2.69 -1.84 -6.25
CA TYR A 8 -1.39 -2.49 -6.12
C TYR A 8 -1.24 -3.08 -4.71
N ARG A 9 -0.53 -4.21 -4.61
CA ARG A 9 -0.27 -4.88 -3.34
C ARG A 9 -0.12 -3.88 -2.19
N GLY A 10 0.47 -2.73 -2.48
CA GLY A 10 0.65 -1.72 -1.47
C GLY A 10 0.88 -0.36 -2.07
N ILE A 11 2.11 0.11 -1.96
CA ILE A 11 2.52 1.42 -2.48
C ILE A 11 3.99 1.63 -2.16
N TYR A 12 4.37 1.17 -0.97
CA TYR A 12 5.73 1.33 -0.47
C TYR A 12 5.91 2.76 0.05
N TYR A 13 4.82 3.31 0.58
CA TYR A 13 4.83 4.66 1.11
C TYR A 13 5.59 4.70 2.43
N ARG A 14 5.25 3.79 3.33
CA ARG A 14 5.91 3.72 4.63
C ARG A 14 6.95 2.61 4.66
N ARG A 15 7.40 2.17 3.49
CA ARG A 15 8.40 1.12 3.40
C ARG A 15 9.76 1.72 3.09
N TYR A 16 9.93 2.20 1.86
CA TYR A 16 11.18 2.81 1.44
C TYR A 16 12.38 1.92 1.76
N ARG A 17 12.84 1.18 0.75
CA ARG A 17 13.99 0.28 0.91
C ARG A 17 15.19 1.03 1.47
N LYS A 1 -2.68 -3.23 -1.51
CA LYS A 1 -3.98 -2.81 -0.96
C LYS A 1 -3.80 -1.99 0.32
N TRP A 2 -2.92 -0.99 0.30
CA TRP A 2 -2.70 -0.20 1.50
C TRP A 2 -3.71 0.94 1.65
N TYR A 3 -4.85 0.85 0.90
CA TYR A 3 -6.00 1.77 0.97
C TYR A 3 -6.42 2.43 -0.37
N PHE A 4 -7.18 3.54 -0.25
CA PHE A 4 -7.79 4.28 -1.37
C PHE A 4 -7.70 3.64 -2.76
N ARG A 5 -6.53 3.65 -3.42
CA ARG A 5 -6.45 3.07 -4.77
C ARG A 5 -6.55 1.55 -4.73
N VAL A 6 -5.82 0.94 -3.81
CA VAL A 6 -5.82 -0.51 -3.64
C VAL A 6 -5.71 -1.26 -4.98
N TYR A 7 -5.25 -0.58 -6.02
CA TYR A 7 -5.06 -1.19 -7.33
C TYR A 7 -3.79 -2.07 -7.32
N TYR A 8 -2.94 -1.82 -6.34
CA TYR A 8 -1.67 -2.53 -6.19
C TYR A 8 -1.57 -3.15 -4.80
N ARG A 9 -0.59 -4.01 -4.58
CA ARG A 9 -0.40 -4.65 -3.28
C ARG A 9 -0.03 -3.61 -2.22
N GLY A 10 0.72 -4.02 -1.22
CA GLY A 10 1.08 -3.11 -0.14
C GLY A 10 2.22 -2.18 -0.47
N ILE A 11 2.07 -1.43 -1.56
CA ILE A 11 3.06 -0.44 -2.01
C ILE A 11 4.46 -0.70 -1.44
N TYR A 12 4.66 -0.26 -0.20
CA TYR A 12 5.93 -0.39 0.50
C TYR A 12 5.92 0.43 1.79
N TYR A 13 4.81 1.13 2.04
CA TYR A 13 4.67 1.96 3.25
C TYR A 13 5.17 1.24 4.50
N ARG A 14 4.77 -0.02 4.66
CA ARG A 14 5.18 -0.80 5.82
C ARG A 14 6.07 -1.98 5.40
N ARG A 15 6.79 -1.81 4.29
CA ARG A 15 7.66 -2.86 3.79
C ARG A 15 9.00 -2.86 4.53
N TYR A 16 9.93 -2.02 4.07
CA TYR A 16 11.25 -1.91 4.70
C TYR A 16 11.85 -3.28 5.01
N ARG A 17 11.50 -4.27 4.19
CA ARG A 17 11.99 -5.63 4.38
C ARG A 17 11.59 -6.18 5.75
N LYS A 1 -1.47 0.01 -2.23
CA LYS A 1 -2.72 -0.79 -2.15
C LYS A 1 -3.31 -0.77 -0.73
N TRP A 2 -2.64 -0.12 0.22
CA TRP A 2 -3.17 -0.09 1.58
C TRP A 2 -4.64 0.37 1.67
N TYR A 3 -4.97 1.56 1.15
CA TYR A 3 -6.33 2.08 1.29
C TYR A 3 -6.96 2.77 0.05
N PHE A 4 -6.72 4.09 -0.07
CA PHE A 4 -7.31 4.96 -1.10
C PHE A 4 -7.25 4.53 -2.58
N ARG A 5 -7.02 3.28 -2.93
CA ARG A 5 -7.01 2.94 -4.36
C ARG A 5 -7.01 1.43 -4.63
N VAL A 6 -6.29 0.68 -3.81
CA VAL A 6 -6.18 -0.77 -3.93
C VAL A 6 -6.14 -1.18 -5.39
N TYR A 7 -4.94 -1.12 -5.95
CA TYR A 7 -4.72 -1.44 -7.35
C TYR A 7 -3.36 -2.13 -7.60
N TYR A 8 -2.59 -2.34 -6.54
CA TYR A 8 -1.26 -2.94 -6.68
C TYR A 8 -0.98 -3.98 -5.59
N ARG A 9 -0.64 -3.54 -4.37
CA ARG A 9 -0.40 -4.43 -3.21
C ARG A 9 1.04 -4.51 -2.71
N GLY A 10 2.03 -4.41 -3.58
CA GLY A 10 3.41 -4.50 -3.12
C GLY A 10 3.77 -3.44 -2.08
N ILE A 11 2.81 -2.60 -1.71
CA ILE A 11 3.04 -1.55 -0.73
C ILE A 11 3.49 -2.13 0.61
N TYR A 12 4.21 -1.32 1.38
CA TYR A 12 4.67 -1.72 2.70
C TYR A 12 3.64 -1.25 3.70
N TYR A 13 2.38 -1.59 3.42
CA TYR A 13 1.25 -1.18 4.23
C TYR A 13 1.45 -1.57 5.71
N ARG A 14 0.58 -2.43 6.24
CA ARG A 14 0.69 -2.87 7.62
C ARG A 14 2.12 -3.27 7.97
N ARG A 15 2.89 -3.65 6.96
CA ARG A 15 4.28 -4.06 7.15
C ARG A 15 5.01 -3.10 8.08
N TYR A 16 4.69 -1.81 7.95
CA TYR A 16 5.32 -0.79 8.79
C TYR A 16 4.80 -0.87 10.23
N ARG A 17 5.74 -0.86 11.19
CA ARG A 17 5.38 -0.93 12.60
C ARG A 17 6.58 -0.61 13.47
N LYS A 1 -5.42 -2.42 -1.40
CA LYS A 1 -4.14 -2.76 -0.74
C LYS A 1 -3.84 -1.77 0.39
N TRP A 2 -2.71 -1.05 0.33
CA TRP A 2 -2.38 -0.11 1.40
C TRP A 2 -3.60 0.73 1.83
N TYR A 3 -4.36 1.24 0.87
CA TYR A 3 -5.55 2.02 1.16
C TYR A 3 -6.30 2.41 -0.10
N PHE A 4 -7.10 3.47 -0.01
CA PHE A 4 -7.88 3.93 -1.16
C PHE A 4 -7.07 3.81 -2.44
N ARG A 5 -7.79 3.56 -3.52
CA ARG A 5 -7.20 3.37 -4.85
C ARG A 5 -7.05 1.89 -5.10
N VAL A 6 -6.54 1.20 -4.07
CA VAL A 6 -6.38 -0.24 -4.09
C VAL A 6 -6.26 -0.79 -5.50
N TYR A 7 -5.02 -0.81 -5.98
CA TYR A 7 -4.72 -1.30 -7.32
C TYR A 7 -3.29 -1.86 -7.40
N TYR A 8 -2.66 -2.10 -6.25
CA TYR A 8 -1.30 -2.62 -6.23
C TYR A 8 -1.18 -3.86 -5.31
N ARG A 9 -0.56 -3.71 -4.13
CA ARG A 9 -0.38 -4.82 -3.20
C ARG A 9 -0.15 -4.31 -1.78
N GLY A 10 0.67 -3.29 -1.66
CA GLY A 10 0.95 -2.72 -0.34
C GLY A 10 2.18 -1.85 -0.33
N ILE A 11 1.94 -0.55 -0.28
CA ILE A 11 3.01 0.44 -0.25
C ILE A 11 3.41 0.78 1.18
N TYR A 12 2.42 0.82 2.07
CA TYR A 12 2.64 1.16 3.46
C TYR A 12 2.93 2.67 3.58
N TYR A 13 3.97 3.11 2.89
CA TYR A 13 4.38 4.52 2.88
C TYR A 13 4.55 5.10 4.29
N ARG A 14 3.49 5.15 5.08
CA ARG A 14 3.59 5.71 6.43
C ARG A 14 2.53 5.14 7.37
N ARG A 15 2.22 3.85 7.25
CA ARG A 15 1.25 3.22 8.12
C ARG A 15 1.88 2.86 9.46
N TYR A 16 3.04 2.24 9.41
CA TYR A 16 3.75 1.83 10.62
C TYR A 16 3.76 2.95 11.66
N ARG A 17 4.51 4.01 11.39
CA ARG A 17 4.60 5.14 12.30
C ARG A 17 3.38 6.03 12.18
N LYS A 1 -2.09 2.18 -2.86
CA LYS A 1 -2.23 0.88 -3.55
C LYS A 1 -2.85 -0.17 -2.62
N TRP A 2 -2.70 0.03 -1.31
CA TRP A 2 -3.24 -0.92 -0.34
C TRP A 2 -4.57 -0.44 0.24
N TYR A 3 -4.82 0.87 0.17
CA TYR A 3 -6.06 1.43 0.70
C TYR A 3 -6.75 2.39 -0.28
N PHE A 4 -6.61 3.70 -0.08
CA PHE A 4 -7.25 4.68 -0.95
C PHE A 4 -7.19 4.30 -2.43
N ARG A 5 -6.17 3.55 -2.82
CA ARG A 5 -6.02 3.13 -4.21
C ARG A 5 -6.45 1.68 -4.39
N VAL A 6 -6.00 0.83 -3.48
CA VAL A 6 -6.36 -0.58 -3.52
C VAL A 6 -6.36 -1.11 -4.96
N TYR A 7 -5.18 -1.24 -5.53
CA TYR A 7 -5.03 -1.71 -6.90
C TYR A 7 -3.63 -2.30 -7.13
N TYR A 8 -2.92 -2.58 -6.05
CA TYR A 8 -1.56 -3.09 -6.16
C TYR A 8 -0.99 -3.53 -4.81
N ARG A 9 -1.37 -2.80 -3.76
CA ARG A 9 -0.86 -3.06 -2.40
C ARG A 9 0.67 -3.13 -2.41
N GLY A 10 1.23 -4.34 -2.42
CA GLY A 10 2.69 -4.52 -2.44
C GLY A 10 3.51 -3.25 -2.32
N ILE A 11 3.15 -2.37 -1.40
CA ILE A 11 3.86 -1.11 -1.20
C ILE A 11 4.86 -1.22 -0.07
N TYR A 12 4.31 -1.44 1.11
CA TYR A 12 5.09 -1.55 2.34
C TYR A 12 4.14 -1.53 3.53
N TYR A 13 2.93 -1.00 3.30
CA TYR A 13 1.91 -0.91 4.34
C TYR A 13 1.91 -2.15 5.22
N ARG A 14 1.91 -3.31 4.56
CA ARG A 14 1.91 -4.58 5.27
C ARG A 14 3.26 -4.81 5.95
N ARG A 15 4.31 -4.92 5.14
CA ARG A 15 5.66 -5.13 5.68
C ARG A 15 6.24 -3.82 6.19
N TYR A 16 5.56 -3.22 7.16
CA TYR A 16 6.01 -1.95 7.73
C TYR A 16 6.87 -2.18 8.97
N ARG A 17 8.10 -1.68 8.93
CA ARG A 17 9.02 -1.83 10.05
C ARG A 17 8.49 -1.14 11.30
N LYS A 1 -1.44 -4.12 -0.36
CA LYS A 1 -2.12 -2.97 -1.03
C LYS A 1 -2.39 -1.85 -0.04
N TRP A 2 -2.92 -0.73 -0.53
CA TRP A 2 -3.22 0.39 0.31
C TRP A 2 -4.72 0.35 0.69
N TYR A 3 -5.46 1.39 0.29
CA TYR A 3 -6.85 1.55 0.61
C TYR A 3 -7.50 2.40 -0.46
N PHE A 4 -7.25 3.70 -0.36
CA PHE A 4 -7.74 4.67 -1.32
C PHE A 4 -7.26 4.31 -2.71
N ARG A 5 -6.14 3.62 -2.73
CA ARG A 5 -5.48 3.20 -3.93
C ARG A 5 -5.79 1.74 -4.22
N VAL A 6 -5.73 0.96 -3.16
CA VAL A 6 -5.99 -0.48 -3.16
C VAL A 6 -6.17 -1.13 -4.56
N TYR A 7 -5.24 -0.90 -5.46
CA TYR A 7 -5.30 -1.52 -6.80
C TYR A 7 -4.03 -2.34 -7.04
N TYR A 8 -3.09 -2.22 -6.10
CA TYR A 8 -1.80 -2.90 -6.19
C TYR A 8 -1.35 -3.29 -4.79
N ARG A 9 -0.28 -4.08 -4.69
CA ARG A 9 0.22 -4.51 -3.37
C ARG A 9 1.67 -4.07 -3.14
N GLY A 10 1.84 -3.01 -2.34
CA GLY A 10 3.17 -2.52 -2.04
C GLY A 10 3.16 -1.10 -1.52
N ILE A 11 3.26 -0.13 -2.43
CA ILE A 11 3.27 1.28 -2.08
C ILE A 11 4.20 1.56 -0.90
N TYR A 12 3.62 1.73 0.29
CA TYR A 12 4.39 2.00 1.50
C TYR A 12 3.47 2.34 2.67
N TYR A 13 2.28 1.75 2.66
CA TYR A 13 1.31 2.01 3.72
C TYR A 13 1.83 1.48 5.06
N ARG A 14 2.30 0.24 5.03
CA ARG A 14 2.84 -0.39 6.24
C ARG A 14 4.33 -0.60 6.12
N ARG A 15 5.01 0.35 5.49
CA ARG A 15 6.46 0.27 5.31
C ARG A 15 7.13 1.57 5.74
N TYR A 16 6.52 2.25 6.71
CA TYR A 16 7.06 3.52 7.21
C TYR A 16 7.70 3.33 8.59
N ARG A 17 8.91 2.78 8.59
CA ARG A 17 9.62 2.55 9.84
C ARG A 17 11.10 2.25 9.58
N LYS A 1 -1.04 -1.74 -1.48
CA LYS A 1 -2.47 -2.11 -1.36
C LYS A 1 -3.06 -1.63 -0.05
N TRP A 2 -2.98 -0.31 0.23
CA TRP A 2 -3.54 0.16 1.48
C TRP A 2 -5.02 0.55 1.37
N TYR A 3 -5.30 1.85 1.42
CA TYR A 3 -6.67 2.36 1.38
C TYR A 3 -7.09 2.86 0.00
N PHE A 4 -7.02 4.17 -0.21
CA PHE A 4 -7.44 4.80 -1.48
C PHE A 4 -6.62 4.36 -2.70
N ARG A 5 -6.53 3.05 -2.94
CA ARG A 5 -5.81 2.55 -4.10
C ARG A 5 -6.19 1.10 -4.41
N VAL A 6 -5.78 0.18 -3.55
CA VAL A 6 -6.06 -1.24 -3.72
C VAL A 6 -5.86 -1.75 -5.16
N TYR A 7 -5.38 -0.88 -6.05
CA TYR A 7 -5.13 -1.27 -7.44
C TYR A 7 -3.75 -1.93 -7.57
N TYR A 8 -3.06 -2.10 -6.43
CA TYR A 8 -1.74 -2.71 -6.37
C TYR A 8 -1.40 -3.07 -4.94
N ARG A 9 -0.48 -3.99 -4.79
CA ARG A 9 -0.04 -4.40 -3.47
C ARG A 9 1.47 -4.27 -3.38
N GLY A 10 1.93 -3.38 -2.52
CA GLY A 10 3.35 -3.18 -2.39
C GLY A 10 3.72 -1.81 -1.86
N ILE A 11 2.76 -0.88 -1.84
CA ILE A 11 3.03 0.48 -1.35
C ILE A 11 3.99 0.43 -0.18
N TYR A 12 3.64 -0.40 0.81
CA TYR A 12 4.46 -0.57 2.00
C TYR A 12 4.47 0.70 2.83
N TYR A 13 3.30 1.31 2.97
CA TYR A 13 3.15 2.54 3.73
C TYR A 13 3.90 2.44 5.06
N ARG A 14 3.60 1.38 5.80
CA ARG A 14 4.23 1.12 7.09
C ARG A 14 4.71 -0.32 7.14
N ARG A 15 3.77 -1.24 7.37
CA ARG A 15 4.08 -2.67 7.41
C ARG A 15 5.33 -2.96 8.23
N TYR A 16 6.48 -2.83 7.57
CA TYR A 16 7.79 -3.08 8.17
C TYR A 16 7.76 -4.31 9.06
N ARG A 17 6.93 -5.29 8.70
CA ARG A 17 6.81 -6.52 9.47
C ARG A 17 7.87 -7.53 9.04
N LYS A 1 -2.94 -4.51 -0.46
CA LYS A 1 -3.65 -3.28 -0.88
C LYS A 1 -3.42 -2.15 0.12
N TRP A 2 -2.80 -1.06 -0.31
CA TRP A 2 -2.54 0.05 0.59
C TRP A 2 -3.83 0.59 1.20
N TYR A 3 -4.38 1.64 0.59
CA TYR A 3 -5.57 2.31 1.12
C TYR A 3 -6.82 2.21 0.21
N PHE A 4 -7.33 3.38 -0.19
CA PHE A 4 -8.55 3.51 -1.00
C PHE A 4 -8.48 2.83 -2.36
N ARG A 5 -7.69 3.38 -3.27
CA ARG A 5 -7.57 2.81 -4.61
C ARG A 5 -6.54 1.70 -4.58
N VAL A 6 -5.30 2.09 -4.34
CA VAL A 6 -4.21 1.16 -4.20
C VAL A 6 -3.99 0.29 -5.45
N TYR A 7 -5.05 -0.36 -5.95
CA TYR A 7 -4.99 -1.22 -7.15
C TYR A 7 -3.81 -2.18 -7.14
N TYR A 8 -3.11 -2.27 -6.03
CA TYR A 8 -1.95 -3.13 -5.92
C TYR A 8 -1.58 -3.39 -4.46
N ARG A 9 -1.22 -4.63 -4.18
CA ARG A 9 -0.81 -5.01 -2.84
C ARG A 9 0.65 -4.65 -2.59
N GLY A 10 0.90 -3.42 -2.13
CA GLY A 10 2.26 -3.02 -1.85
C GLY A 10 2.67 -1.70 -2.49
N ILE A 11 1.71 -0.87 -2.91
CA ILE A 11 2.02 0.42 -3.56
C ILE A 11 3.40 0.94 -3.19
N TYR A 12 3.56 1.28 -1.91
CA TYR A 12 4.82 1.81 -1.41
C TYR A 12 5.06 3.24 -1.92
N TYR A 13 4.05 3.82 -2.55
CA TYR A 13 4.15 5.17 -3.06
C TYR A 13 4.10 6.19 -1.92
N ARG A 14 3.09 6.03 -1.07
CA ARG A 14 2.90 6.92 0.07
C ARG A 14 3.98 6.70 1.12
N ARG A 15 4.65 5.56 1.04
CA ARG A 15 5.72 5.24 1.99
C ARG A 15 6.94 6.12 1.72
N TYR A 16 7.46 6.04 0.50
CA TYR A 16 8.63 6.82 0.10
C TYR A 16 9.71 6.80 1.19
N ARG A 17 9.89 5.66 1.82
CA ARG A 17 10.89 5.51 2.88
C ARG A 17 12.25 6.00 2.41
N LYS A 1 -2.92 -3.48 -0.73
CA LYS A 1 -4.33 -3.00 -0.76
C LYS A 1 -4.44 -1.54 -0.31
N TRP A 2 -3.31 -0.97 0.17
CA TRP A 2 -3.25 0.40 0.66
C TRP A 2 -4.46 1.24 0.33
N TYR A 3 -5.46 1.00 1.14
CA TYR A 3 -6.74 1.71 1.13
C TYR A 3 -7.00 2.57 -0.13
N PHE A 4 -6.62 3.86 -0.06
CA PHE A 4 -6.89 4.83 -1.13
C PHE A 4 -6.30 4.46 -2.50
N ARG A 5 -6.69 3.30 -3.03
CA ARG A 5 -6.22 2.87 -4.34
C ARG A 5 -6.63 1.42 -4.62
N VAL A 6 -6.41 0.56 -3.63
CA VAL A 6 -6.73 -0.87 -3.75
C VAL A 6 -6.59 -1.36 -5.20
N TYR A 7 -5.41 -1.15 -5.75
CA TYR A 7 -5.08 -1.54 -7.11
C TYR A 7 -3.58 -1.82 -7.21
N TYR A 8 -2.99 -2.13 -6.06
CA TYR A 8 -1.56 -2.37 -5.96
C TYR A 8 -1.27 -3.36 -4.83
N ARG A 9 -0.01 -3.75 -4.66
CA ARG A 9 0.34 -4.69 -3.61
C ARG A 9 1.43 -4.16 -2.67
N GLY A 10 1.04 -4.03 -1.40
CA GLY A 10 1.94 -3.56 -0.36
C GLY A 10 2.80 -2.40 -0.77
N ILE A 11 2.39 -1.21 -0.35
CA ILE A 11 3.12 0.01 -0.64
C ILE A 11 4.19 0.28 0.40
N TYR A 12 3.75 0.55 1.62
CA TYR A 12 4.65 0.85 2.73
C TYR A 12 5.02 2.33 2.73
N TYR A 13 4.10 3.16 2.25
CA TYR A 13 4.32 4.60 2.19
C TYR A 13 4.56 5.18 3.58
N ARG A 14 3.64 4.91 4.50
CA ARG A 14 3.76 5.42 5.86
C ARG A 14 4.69 4.55 6.70
N ARG A 15 4.51 3.23 6.61
CA ARG A 15 5.33 2.30 7.35
C ARG A 15 6.82 2.58 7.14
N TYR A 16 7.47 3.09 8.18
CA TYR A 16 8.90 3.42 8.10
C TYR A 16 9.66 2.79 9.26
N ARG A 17 10.91 2.41 9.01
CA ARG A 17 11.75 1.80 10.02
C ARG A 17 11.94 2.74 11.20
N LYS A 1 -3.19 -3.76 2.08
CA LYS A 1 -3.07 -2.71 1.03
C LYS A 1 -3.16 -1.33 1.65
N TRP A 2 -2.48 -0.35 1.04
CA TRP A 2 -2.50 1.00 1.56
C TRP A 2 -3.75 1.75 1.09
N TYR A 3 -4.90 1.22 1.50
CA TYR A 3 -6.23 1.78 1.21
C TYR A 3 -6.33 2.57 -0.11
N PHE A 4 -7.47 3.27 -0.23
CA PHE A 4 -7.85 4.10 -1.39
C PHE A 4 -7.00 3.93 -2.63
N ARG A 5 -6.56 2.72 -2.92
CA ARG A 5 -5.77 2.47 -4.10
C ARG A 5 -5.96 1.06 -4.55
N VAL A 6 -5.57 0.12 -3.70
CA VAL A 6 -5.76 -1.29 -3.93
C VAL A 6 -5.16 -1.82 -5.26
N TYR A 7 -5.32 -1.08 -6.35
CA TYR A 7 -4.81 -1.50 -7.67
C TYR A 7 -3.40 -2.08 -7.59
N TYR A 8 -2.63 -1.58 -6.64
CA TYR A 8 -1.25 -1.99 -6.44
C TYR A 8 -1.12 -3.09 -5.37
N ARG A 9 -2.18 -3.26 -4.57
CA ARG A 9 -2.17 -4.20 -3.45
C ARG A 9 -1.26 -3.66 -2.33
N GLY A 10 -0.02 -3.31 -2.70
CA GLY A 10 0.93 -2.75 -1.76
C GLY A 10 1.69 -1.60 -2.40
N ILE A 11 1.06 -0.42 -2.43
CA ILE A 11 1.63 0.79 -3.04
C ILE A 11 3.06 0.58 -3.52
N TYR A 12 4.01 0.78 -2.60
CA TYR A 12 5.45 0.65 -2.86
C TYR A 12 6.20 1.84 -2.25
N TYR A 13 5.45 2.85 -1.82
CA TYR A 13 6.03 4.05 -1.23
C TYR A 13 6.87 3.71 0.00
N ARG A 14 6.34 2.85 0.86
CA ARG A 14 7.04 2.46 2.08
C ARG A 14 8.31 1.69 1.75
N ARG A 15 8.15 0.57 1.05
CA ARG A 15 9.29 -0.25 0.66
C ARG A 15 10.32 0.57 -0.11
N TYR A 16 9.94 1.05 -1.28
CA TYR A 16 10.82 1.86 -2.11
C TYR A 16 12.10 1.10 -2.46
N ARG A 17 11.95 -0.19 -2.79
CA ARG A 17 13.10 -1.02 -3.14
C ARG A 17 14.02 -0.30 -4.12
N LYS A 1 -2.03 -1.75 -1.96
CA LYS A 1 -3.50 -1.58 -1.82
C LYS A 1 -3.87 -1.17 -0.41
N TRP A 2 -3.06 -0.33 0.22
CA TRP A 2 -3.35 0.02 1.60
C TRP A 2 -4.80 0.50 1.80
N TYR A 3 -5.29 1.37 0.92
CA TYR A 3 -6.63 1.90 1.08
C TYR A 3 -7.09 2.77 -0.09
N PHE A 4 -6.76 4.06 -0.07
CA PHE A 4 -7.22 4.96 -1.12
C PHE A 4 -6.65 4.65 -2.51
N ARG A 5 -6.99 3.46 -3.03
CA ARG A 5 -6.55 3.07 -4.36
C ARG A 5 -6.81 1.59 -4.64
N VAL A 6 -6.27 0.74 -3.76
CA VAL A 6 -6.39 -0.71 -3.86
C VAL A 6 -6.35 -1.22 -5.31
N TYR A 7 -5.16 -1.17 -5.92
CA TYR A 7 -4.96 -1.65 -7.27
C TYR A 7 -3.56 -2.29 -7.43
N TYR A 8 -2.81 -2.34 -6.33
CA TYR A 8 -1.47 -2.91 -6.32
C TYR A 8 -1.00 -3.17 -4.90
N ARG A 9 -0.29 -4.27 -4.71
CA ARG A 9 0.25 -4.61 -3.41
C ARG A 9 1.75 -4.34 -3.42
N GLY A 10 2.23 -3.54 -2.48
CA GLY A 10 3.65 -3.24 -2.46
C GLY A 10 3.97 -1.78 -2.23
N ILE A 11 2.95 -0.95 -2.17
CA ILE A 11 3.13 0.50 -2.01
C ILE A 11 4.15 0.86 -0.92
N TYR A 12 4.46 2.15 -0.86
CA TYR A 12 5.40 2.72 0.08
C TYR A 12 4.67 3.25 1.31
N TYR A 13 4.29 2.33 2.20
CA TYR A 13 3.56 2.72 3.42
C TYR A 13 4.53 2.93 4.59
N ARG A 14 4.76 1.87 5.36
CA ARG A 14 5.66 1.94 6.52
C ARG A 14 6.98 2.60 6.12
N ARG A 15 7.32 2.49 4.84
CA ARG A 15 8.55 3.07 4.33
C ARG A 15 8.62 4.57 4.64
N TYR A 16 7.45 5.19 4.82
CA TYR A 16 7.37 6.62 5.12
C TYR A 16 8.27 7.00 6.30
N ARG A 17 8.55 6.04 7.17
CA ARG A 17 9.39 6.29 8.34
C ARG A 17 10.73 6.91 7.94
#